data_3FRT
#
_entry.id   3FRT
#
_cell.length_a   36.472
_cell.length_b   131.514
_cell.length_c   48.508
_cell.angle_alpha   90.00
_cell.angle_beta   108.06
_cell.angle_gamma   90.00
#
_symmetry.space_group_name_H-M   'P 1 21 1'
#
_entity_poly.entity_id   1
_entity_poly.type   'polypeptide(L)'
_entity_poly.pdbx_seq_one_letter_code
;GHMQEKPPKELVNEWSLKIRKEMRVVDRQIRDIQREEEKVKRSVKDAAKKGQKDVCIVLAKEMIRSRKAVSKLYASKAHM
NSVLMGMKNQLAVLRVAGSLQKSTEVMKAMQSLVKIPEIQATMRELSKEMMKAGIIEEMLEDTFESMDDQEEMEEEAEME
IDRILFEITAGALGKAPSKVTDALPEPEPPGAMAASEDEEEEEEALEAMQSRLATLRS
;
_entity_poly.pdbx_strand_id   A,B
#
# COMPACT_ATOMS: atom_id res chain seq x y z
N PRO A 8 20.32 -10.54 50.12
CA PRO A 8 20.17 -9.61 49.01
C PRO A 8 18.71 -9.23 48.69
N LYS A 9 18.05 -8.57 49.66
CA LYS A 9 16.70 -8.01 49.49
C LYS A 9 16.75 -6.71 48.68
N GLU A 10 17.87 -6.00 48.78
CA GLU A 10 18.09 -4.76 48.05
C GLU A 10 18.09 -4.97 46.54
N LEU A 11 18.70 -6.06 46.10
CA LEU A 11 18.81 -6.39 44.68
C LEU A 11 17.44 -6.56 44.02
N VAL A 12 16.63 -7.42 44.62
CA VAL A 12 15.29 -7.73 44.13
C VAL A 12 14.56 -6.46 43.76
N ASN A 13 14.41 -5.53 44.71
CA ASN A 13 13.63 -4.31 44.45
C ASN A 13 14.04 -3.58 43.18
N GLU A 14 15.34 -3.32 43.01
CA GLU A 14 15.87 -2.75 41.75
C GLU A 14 15.53 -3.61 40.51
N TRP A 15 15.94 -4.88 40.52
CA TRP A 15 15.68 -5.81 39.42
C TRP A 15 14.23 -5.79 39.01
N SER A 16 13.35 -6.05 39.95
CA SER A 16 11.94 -5.87 39.71
C SER A 16 11.72 -4.64 38.83
N LEU A 17 12.17 -3.48 39.31
CA LEU A 17 11.99 -2.24 38.59
C LEU A 17 12.52 -2.30 37.17
N LYS A 18 13.75 -2.81 37.00
CA LYS A 18 14.32 -2.95 35.66
C LYS A 18 13.40 -3.80 34.80
N ILE A 19 13.11 -5.02 35.29
CA ILE A 19 12.22 -5.97 34.60
C ILE A 19 10.93 -5.27 34.23
N ARG A 20 10.31 -4.63 35.21
CA ARG A 20 9.08 -3.93 34.97
C ARG A 20 9.26 -2.88 33.89
N LYS A 21 10.41 -2.19 33.88
CA LYS A 21 10.68 -1.12 32.92
C LYS A 21 10.79 -1.64 31.49
N GLU A 22 11.47 -2.77 31.32
CA GLU A 22 11.47 -3.44 30.04
C GLU A 22 10.05 -3.85 29.65
N MET A 23 9.22 -4.24 30.61
CA MET A 23 7.84 -4.61 30.32
C MET A 23 7.12 -3.51 29.55
N ARG A 24 7.41 -2.27 29.91
CA ARG A 24 6.81 -1.09 29.31
C ARG A 24 7.28 -0.94 27.89
N VAL A 25 8.56 -1.16 27.68
CA VAL A 25 9.09 -1.12 26.35
C VAL A 25 8.31 -2.15 25.57
N VAL A 26 8.13 -3.33 26.13
CA VAL A 26 7.42 -4.36 25.40
C VAL A 26 6.00 -3.93 25.06
N ASP A 27 5.27 -3.38 26.02
CA ASP A 27 3.93 -2.89 25.71
C ASP A 27 3.97 -1.85 24.59
N ARG A 28 4.89 -0.89 24.74
CA ARG A 28 5.09 0.15 23.73
C ARG A 28 5.34 -0.42 22.32
N GLN A 29 6.25 -1.38 22.19
CA GLN A 29 6.62 -1.89 20.90
C GLN A 29 5.43 -2.54 20.28
N ILE A 30 4.62 -3.22 21.10
CA ILE A 30 3.41 -3.88 20.61
C ILE A 30 2.42 -2.83 20.15
N ARG A 31 2.26 -1.79 20.96
CA ARG A 31 1.26 -0.75 20.68
C ARG A 31 1.48 -0.14 19.30
N ASP A 32 2.75 -0.06 18.92
CA ASP A 32 3.13 0.40 17.61
C ASP A 32 2.86 -0.60 16.53
N ILE A 33 3.40 -1.82 16.65
CA ILE A 33 3.13 -2.84 15.64
C ILE A 33 1.62 -2.89 15.31
N GLN A 34 0.77 -2.84 16.32
CA GLN A 34 -0.67 -2.89 16.10
C GLN A 34 -1.14 -1.62 15.38
N ARG A 35 -0.64 -0.47 15.80
CA ARG A 35 -1.03 0.80 15.19
C ARG A 35 -0.70 0.71 13.72
N GLU A 36 0.35 -0.04 13.43
CA GLU A 36 0.82 -0.23 12.08
C GLU A 36 -0.04 -1.19 11.31
N GLU A 37 -0.59 -2.20 11.97
CA GLU A 37 -1.46 -3.16 11.28
C GLU A 37 -2.79 -2.54 10.88
N GLU A 38 -3.30 -1.63 11.72
CA GLU A 38 -4.46 -0.83 11.36
C GLU A 38 -4.29 -0.34 9.92
N LYS A 39 -3.09 0.15 9.59
CA LYS A 39 -2.80 0.77 8.30
C LYS A 39 -2.67 -0.24 7.19
N VAL A 40 -1.81 -1.24 7.39
CA VAL A 40 -1.63 -2.31 6.40
C VAL A 40 -2.96 -2.91 6.01
N LYS A 41 -3.86 -3.01 6.98
CA LYS A 41 -5.18 -3.55 6.70
C LYS A 41 -5.82 -2.70 5.60
N ARG A 42 -5.74 -1.37 5.71
CA ARG A 42 -6.42 -0.46 4.77
C ARG A 42 -5.87 -0.56 3.35
N SER A 43 -4.54 -0.54 3.29
CA SER A 43 -3.84 -0.72 2.07
C SER A 43 -4.27 -2.01 1.41
N VAL A 44 -4.19 -3.11 2.15
CA VAL A 44 -4.57 -4.41 1.61
C VAL A 44 -5.95 -4.37 0.94
N LYS A 45 -6.91 -3.72 1.61
CA LYS A 45 -8.24 -3.56 1.04
C LYS A 45 -8.17 -2.76 -0.25
N ASP A 46 -7.60 -1.55 -0.17
CA ASP A 46 -7.51 -0.68 -1.33
C ASP A 46 -6.93 -1.44 -2.50
N ALA A 47 -5.78 -2.10 -2.28
CA ALA A 47 -5.15 -2.91 -3.30
C ALA A 47 -6.08 -4.01 -3.78
N ALA A 48 -6.88 -4.60 -2.88
CA ALA A 48 -7.89 -5.58 -3.34
C ALA A 48 -8.86 -4.93 -4.31
N LYS A 49 -9.46 -3.80 -3.91
CA LYS A 49 -10.47 -3.12 -4.74
C LYS A 49 -9.94 -2.73 -6.09
N LYS A 50 -8.64 -2.44 -6.16
CA LYS A 50 -8.01 -2.08 -7.40
C LYS A 50 -7.40 -3.29 -8.10
N GLY A 51 -7.67 -4.50 -7.61
CA GLY A 51 -7.16 -5.72 -8.25
C GLY A 51 -5.65 -5.94 -8.32
N GLN A 52 -4.87 -5.20 -7.53
CA GLN A 52 -3.43 -5.38 -7.47
C GLN A 52 -3.08 -6.61 -6.64
N LYS A 53 -3.10 -7.79 -7.25
CA LYS A 53 -2.86 -9.00 -6.48
C LYS A 53 -1.53 -8.97 -5.73
N ASP A 54 -0.45 -8.71 -6.45
CA ASP A 54 0.91 -8.71 -5.90
C ASP A 54 1.15 -7.77 -4.70
N VAL A 55 0.53 -6.60 -4.74
CA VAL A 55 0.55 -5.73 -3.58
C VAL A 55 -0.13 -6.41 -2.41
N CYS A 56 -1.28 -7.05 -2.66
CA CYS A 56 -1.98 -7.75 -1.56
C CYS A 56 -1.15 -8.88 -1.00
N ILE A 57 -0.65 -9.77 -1.86
CA ILE A 57 0.16 -10.88 -1.34
C ILE A 57 1.25 -10.33 -0.45
N VAL A 58 1.96 -9.33 -0.98
CA VAL A 58 3.11 -8.76 -0.28
C VAL A 58 2.67 -8.22 1.05
N LEU A 59 1.71 -7.28 1.04
CA LEU A 59 1.31 -6.64 2.30
C LEU A 59 0.93 -7.74 3.28
N ALA A 60 0.20 -8.71 2.75
CA ALA A 60 -0.16 -9.88 3.53
C ALA A 60 1.04 -10.45 4.27
N LYS A 61 2.13 -10.78 3.57
CA LYS A 61 3.31 -11.28 4.28
C LYS A 61 3.75 -10.29 5.37
N GLU A 62 3.58 -9.01 5.11
CA GLU A 62 3.86 -7.97 6.10
C GLU A 62 3.03 -8.16 7.36
N MET A 63 1.79 -8.58 7.14
CA MET A 63 0.82 -8.78 8.21
C MET A 63 1.21 -9.98 9.04
N ILE A 64 1.37 -11.13 8.39
CA ILE A 64 1.80 -12.31 9.12
C ILE A 64 3.02 -11.95 9.95
N ARG A 65 4.04 -11.41 9.30
CA ARG A 65 5.25 -10.97 9.99
C ARG A 65 4.95 -10.16 11.25
N SER A 66 4.02 -9.22 11.14
CA SER A 66 3.61 -8.46 12.32
C SER A 66 3.04 -9.36 13.40
N ARG A 67 2.04 -10.17 13.04
CA ARG A 67 1.38 -11.02 14.01
C ARG A 67 2.38 -11.83 14.76
N LYS A 68 3.29 -12.48 14.04
CA LYS A 68 4.37 -13.19 14.70
C LYS A 68 5.19 -12.27 15.59
N ALA A 69 5.49 -11.08 15.10
CA ALA A 69 6.27 -10.15 15.90
C ALA A 69 5.56 -9.88 17.20
N VAL A 70 4.27 -9.54 17.14
CA VAL A 70 3.56 -9.15 18.33
C VAL A 70 3.50 -10.31 19.29
N SER A 71 3.23 -11.50 18.74
CA SER A 71 3.07 -12.70 19.53
C SER A 71 4.33 -12.92 20.34
N LYS A 72 5.44 -13.01 19.63
CA LYS A 72 6.74 -13.21 20.29
C LYS A 72 6.90 -12.20 21.43
N LEU A 73 6.34 -11.00 21.23
CA LEU A 73 6.38 -9.97 22.25
C LEU A 73 5.53 -10.32 23.47
N TYR A 74 4.27 -10.65 23.25
CA TYR A 74 3.45 -11.07 24.36
C TYR A 74 4.07 -12.29 25.03
N ALA A 75 4.61 -13.23 24.26
CA ALA A 75 5.32 -14.30 24.95
C ALA A 75 6.40 -13.68 25.90
N SER A 76 7.18 -12.73 25.40
CA SER A 76 8.15 -12.06 26.25
C SER A 76 7.52 -11.52 27.52
N LYS A 77 6.38 -10.83 27.39
CA LYS A 77 5.69 -10.28 28.54
C LYS A 77 5.39 -11.35 29.55
N ALA A 78 5.00 -12.52 29.08
CA ALA A 78 4.80 -13.63 30.00
C ALA A 78 6.10 -13.96 30.75
N HIS A 79 7.14 -14.34 30.00
CA HIS A 79 8.43 -14.64 30.58
C HIS A 79 8.80 -13.62 31.64
N MET A 80 8.65 -12.34 31.29
CA MET A 80 8.91 -11.26 32.24
C MET A 80 8.14 -11.42 33.54
N ASN A 81 6.86 -11.77 33.44
CA ASN A 81 6.02 -11.93 34.63
C ASN A 81 6.40 -13.14 35.46
N SER A 82 6.73 -14.24 34.77
CA SER A 82 7.31 -15.40 35.44
C SER A 82 8.47 -14.90 36.32
N VAL A 83 9.37 -14.14 35.72
CA VAL A 83 10.55 -13.60 36.41
C VAL A 83 10.15 -12.63 37.51
N LEU A 84 9.18 -11.78 37.25
CA LEU A 84 8.73 -10.90 38.31
C LEU A 84 8.19 -11.72 39.47
N MET A 85 7.37 -12.73 39.18
CA MET A 85 6.88 -13.64 40.20
C MET A 85 8.05 -14.16 41.01
N GLY A 86 8.97 -14.86 40.35
CA GLY A 86 10.20 -15.32 41.02
C GLY A 86 10.82 -14.31 41.98
N MET A 87 10.75 -13.03 41.61
CA MET A 87 11.17 -11.95 42.48
C MET A 87 10.27 -11.85 43.70
N LYS A 88 8.96 -11.97 43.49
CA LYS A 88 8.02 -11.90 44.60
C LYS A 88 8.42 -13.01 45.53
N ASN A 89 8.56 -14.19 44.96
CA ASN A 89 8.95 -15.33 45.74
C ASN A 89 10.22 -15.04 46.49
N GLN A 90 11.33 -14.74 45.81
CA GLN A 90 12.63 -14.55 46.48
C GLN A 90 12.53 -13.81 47.80
N LEU A 91 11.64 -12.84 47.87
CA LEU A 91 11.30 -12.22 49.16
C LEU A 91 10.90 -13.19 50.31
N ALA A 92 10.14 -14.24 50.02
CA ALA A 92 9.69 -15.16 51.07
C ALA A 92 10.74 -16.24 51.44
N VAL A 93 11.54 -16.66 50.44
CA VAL A 93 12.54 -17.72 50.59
C VAL A 93 13.67 -17.26 51.52
N LEU A 94 13.44 -17.37 52.83
CA LEU A 94 14.43 -16.97 53.86
C LEU A 94 15.90 -17.20 53.40
N SER A 99 17.74 -14.69 52.28
CA SER A 99 18.87 -15.23 51.51
C SER A 99 18.56 -15.19 50.00
N LEU A 100 19.15 -16.13 49.24
CA LEU A 100 18.83 -16.32 47.82
C LEU A 100 18.97 -17.77 47.35
N GLN A 101 17.84 -18.36 46.99
CA GLN A 101 17.78 -19.73 46.49
C GLN A 101 17.77 -19.73 44.96
N LYS A 102 18.31 -20.79 44.37
CA LYS A 102 18.40 -20.89 42.91
C LYS A 102 17.06 -21.25 42.23
N SER A 103 16.13 -20.30 42.20
CA SER A 103 14.80 -20.53 41.59
C SER A 103 14.87 -21.00 40.13
N THR A 104 15.10 -22.29 39.93
CA THR A 104 15.22 -22.90 38.58
C THR A 104 14.12 -22.48 37.61
N GLU A 105 13.11 -21.78 38.13
CA GLU A 105 12.10 -21.09 37.32
C GLU A 105 12.66 -19.82 36.65
N VAL A 106 13.14 -18.87 37.46
CA VAL A 106 13.66 -17.61 36.95
C VAL A 106 15.00 -17.79 36.27
N MET A 107 15.36 -19.04 36.09
CA MET A 107 16.56 -19.39 35.37
C MET A 107 16.16 -19.48 33.91
N LYS A 108 15.24 -20.39 33.63
CA LYS A 108 14.85 -20.73 32.27
C LYS A 108 14.09 -19.63 31.54
N ALA A 109 13.44 -18.76 32.31
CA ALA A 109 12.68 -17.69 31.70
C ALA A 109 13.68 -16.69 31.23
N MET A 110 14.66 -16.38 32.09
CA MET A 110 15.71 -15.42 31.76
C MET A 110 16.73 -15.98 30.79
N GLN A 111 16.40 -17.14 30.21
CA GLN A 111 17.27 -17.80 29.25
C GLN A 111 16.57 -17.68 27.90
N SER A 112 15.25 -17.49 27.96
CA SER A 112 14.42 -17.31 26.77
C SER A 112 14.16 -15.84 26.59
N LEU A 113 14.61 -15.06 27.56
CA LEU A 113 14.40 -13.63 27.52
C LEU A 113 15.59 -12.89 26.87
N VAL A 114 16.79 -13.44 27.00
CA VAL A 114 17.97 -12.82 26.39
C VAL A 114 18.00 -12.99 24.88
N LYS A 115 16.81 -13.03 24.25
CA LYS A 115 16.72 -13.18 22.81
C LYS A 115 15.55 -12.39 22.23
N ILE A 116 15.35 -11.18 22.73
CA ILE A 116 14.36 -10.28 22.15
C ILE A 116 15.02 -8.95 21.92
N PRO A 117 15.29 -8.62 20.65
CA PRO A 117 16.10 -7.48 20.16
C PRO A 117 16.24 -6.33 21.12
N GLU A 118 15.10 -5.81 21.57
CA GLU A 118 14.98 -4.60 22.40
C GLU A 118 15.33 -4.78 23.88
N ILE A 119 14.89 -5.87 24.46
CA ILE A 119 15.28 -6.19 25.81
C ILE A 119 16.54 -7.07 25.76
N GLN A 120 16.82 -7.62 24.58
CA GLN A 120 18.01 -8.44 24.34
C GLN A 120 19.22 -7.99 25.13
N ALA A 121 19.59 -6.71 25.03
CA ALA A 121 20.79 -6.24 25.71
C ALA A 121 20.68 -6.51 27.20
N THR A 122 19.99 -5.62 27.92
CA THR A 122 19.90 -5.64 29.38
C THR A 122 19.76 -7.05 29.98
N MET A 123 18.64 -7.71 29.74
CA MET A 123 18.42 -9.06 30.28
C MET A 123 19.73 -9.79 30.64
N ARG A 124 20.60 -9.97 29.65
CA ARG A 124 21.84 -10.74 29.81
C ARG A 124 22.71 -10.24 30.96
N GLU A 125 22.50 -8.98 31.34
CA GLU A 125 23.26 -8.33 32.38
C GLU A 125 22.59 -8.62 33.74
N LEU A 126 21.26 -8.63 33.71
CA LEU A 126 20.49 -9.03 34.87
C LEU A 126 20.76 -10.49 35.11
N SER A 127 20.84 -11.26 34.03
CA SER A 127 21.18 -12.67 34.16
C SER A 127 22.49 -12.91 34.90
N LYS A 128 23.47 -12.01 34.77
CA LYS A 128 24.71 -12.17 35.51
C LYS A 128 24.49 -11.79 36.96
N GLU A 129 23.97 -10.59 37.18
CA GLU A 129 23.64 -10.11 38.54
C GLU A 129 22.91 -11.18 39.37
N MET A 130 22.03 -11.94 38.73
CA MET A 130 21.33 -13.07 39.37
C MET A 130 22.28 -14.26 39.53
N MET A 131 22.80 -14.78 38.42
CA MET A 131 23.67 -15.96 38.45
C MET A 131 24.79 -15.82 39.48
N LYS A 132 25.14 -14.58 39.81
CA LYS A 132 26.21 -14.29 40.75
C LYS A 132 26.06 -15.09 42.05
N ALA A 133 25.48 -14.47 43.07
CA ALA A 133 25.37 -15.13 44.38
C ALA A 133 23.91 -15.48 44.72
N GLY A 134 23.13 -15.84 43.71
CA GLY A 134 21.77 -16.24 43.97
C GLY A 134 21.23 -17.18 42.91
N ILE A 135 20.01 -16.89 42.48
CA ILE A 135 19.31 -17.57 41.40
C ILE A 135 20.16 -17.72 40.15
N ILE A 136 19.70 -18.56 39.21
CA ILE A 136 20.42 -18.78 37.93
C ILE A 136 19.69 -18.14 36.72
N MET A 153 7.29 -27.80 8.64
CA MET A 153 7.12 -27.08 7.39
C MET A 153 6.17 -25.86 7.42
N GLU A 154 6.76 -24.67 7.40
CA GLU A 154 6.02 -23.44 7.16
C GLU A 154 5.95 -23.21 5.63
N GLU A 155 5.80 -24.28 4.85
CA GLU A 155 5.61 -24.13 3.41
C GLU A 155 4.13 -23.93 3.12
N GLU A 156 3.31 -24.25 4.12
CA GLU A 156 1.87 -24.03 4.10
C GLU A 156 1.55 -22.67 4.73
N ALA A 157 2.61 -21.93 5.05
CA ALA A 157 2.46 -20.54 5.47
C ALA A 157 2.23 -19.71 4.22
N GLU A 158 2.17 -20.40 3.08
CA GLU A 158 1.68 -19.82 1.83
C GLU A 158 0.16 -19.91 1.79
N MET A 159 -0.42 -20.41 2.89
CA MET A 159 -1.85 -20.55 3.00
C MET A 159 -2.37 -19.56 4.04
N GLU A 160 -1.49 -19.13 4.93
CA GLU A 160 -1.87 -18.15 5.94
C GLU A 160 -2.21 -16.82 5.30
N ILE A 161 -1.37 -16.40 4.36
CA ILE A 161 -1.61 -15.13 3.69
C ILE A 161 -2.99 -15.15 3.02
N ASP A 162 -3.21 -16.15 2.15
CA ASP A 162 -4.50 -16.36 1.51
C ASP A 162 -5.66 -16.39 2.49
N ARG A 163 -5.37 -16.76 3.73
CA ARG A 163 -6.32 -16.74 4.80
C ARG A 163 -6.58 -15.26 5.17
N ILE A 164 -5.55 -14.55 5.65
CA ILE A 164 -5.76 -13.15 6.10
C ILE A 164 -6.37 -12.25 5.03
N LEU A 165 -6.03 -12.49 3.77
CA LEU A 165 -6.54 -11.70 2.73
C LEU A 165 -8.02 -11.77 2.94
N PHE A 166 -8.53 -13.00 2.83
CA PHE A 166 -9.92 -13.32 3.04
C PHE A 166 -10.41 -12.74 4.37
N GLU A 167 -9.69 -13.04 5.44
CA GLU A 167 -10.06 -12.52 6.74
C GLU A 167 -10.02 -10.97 6.88
N ILE A 168 -9.99 -10.22 5.78
CA ILE A 168 -9.97 -8.74 5.84
C ILE A 168 -10.62 -8.11 4.63
N PRO B 8 -26.10 19.95 -43.93
CA PRO B 8 -26.19 19.33 -42.61
C PRO B 8 -25.61 20.16 -41.48
N LYS B 9 -26.21 21.33 -41.23
CA LYS B 9 -25.87 22.20 -40.09
C LYS B 9 -26.46 21.67 -38.79
N GLU B 10 -27.59 20.97 -38.91
CA GLU B 10 -28.28 20.35 -37.78
C GLU B 10 -27.43 19.29 -37.10
N LEU B 11 -26.73 18.49 -37.89
CA LEU B 11 -25.88 17.42 -37.39
C LEU B 11 -24.77 17.92 -36.48
N VAL B 12 -24.01 18.89 -37.00
CA VAL B 12 -22.89 19.48 -36.28
C VAL B 12 -23.29 19.80 -34.85
N ASN B 13 -24.33 20.61 -34.67
CA ASN B 13 -24.72 21.05 -33.32
C ASN B 13 -24.87 19.91 -32.34
N GLU B 14 -25.63 18.87 -32.70
CA GLU B 14 -25.74 17.64 -31.88
C GLU B 14 -24.37 16.97 -31.62
N TRP B 15 -23.64 16.63 -32.69
CA TRP B 15 -22.32 16.00 -32.59
C TRP B 15 -21.42 16.75 -31.63
N SER B 16 -21.23 18.03 -31.90
CA SER B 16 -20.55 18.88 -30.94
C SER B 16 -20.93 18.48 -29.53
N LEU B 17 -22.23 18.55 -29.22
CA LEU B 17 -22.72 18.23 -27.90
C LEU B 17 -22.27 16.84 -27.44
N LYS B 18 -22.45 15.83 -28.28
CA LYS B 18 -22.01 14.48 -27.92
C LYS B 18 -20.52 14.50 -27.57
N ILE B 19 -19.72 14.99 -28.53
CA ILE B 19 -18.26 15.10 -28.36
C ILE B 19 -17.95 15.80 -27.06
N ARG B 20 -18.58 16.95 -26.86
CA ARG B 20 -18.35 17.71 -25.64
C ARG B 20 -18.72 16.87 -24.42
N LYS B 21 -19.79 16.07 -24.52
CA LYS B 21 -20.27 15.24 -23.39
C LYS B 21 -19.28 14.15 -23.02
N GLU B 22 -18.71 13.49 -24.04
CA GLU B 22 -17.63 12.57 -23.79
C GLU B 22 -16.44 13.29 -23.15
N MET B 23 -16.16 14.53 -23.52
CA MET B 23 -15.03 15.24 -22.90
C MET B 23 -15.18 15.39 -21.40
N ARG B 24 -16.41 15.44 -20.92
CA ARG B 24 -16.70 15.49 -19.50
C ARG B 24 -16.38 14.17 -18.86
N VAL B 25 -16.77 13.10 -19.52
CA VAL B 25 -16.45 11.80 -19.02
C VAL B 25 -14.94 11.76 -18.90
N VAL B 26 -14.25 12.22 -19.93
CA VAL B 26 -12.80 12.17 -19.89
C VAL B 26 -12.24 12.97 -18.72
N ASP B 27 -12.73 14.19 -18.50
CA ASP B 27 -12.29 14.96 -17.34
C ASP B 27 -12.55 14.19 -16.05
N ARG B 28 -13.77 13.68 -15.92
CA ARG B 28 -14.17 12.88 -14.76
C ARG B 28 -13.23 11.69 -14.49
N GLN B 29 -12.92 10.91 -15.53
CA GLN B 29 -12.13 9.72 -15.36
C GLN B 29 -10.79 10.11 -14.86
N ILE B 30 -10.26 11.22 -15.38
CA ILE B 30 -8.94 11.71 -14.96
C ILE B 30 -9.01 12.15 -13.53
N ARG B 31 -10.06 12.88 -13.17
CA ARG B 31 -10.21 13.45 -11.82
C ARG B 31 -10.12 12.36 -10.76
N ASP B 32 -10.63 11.18 -11.12
CA ASP B 32 -10.56 10.02 -10.28
C ASP B 32 -9.18 9.41 -10.24
N ILE B 33 -8.62 9.06 -11.39
CA ILE B 33 -7.26 8.50 -11.40
C ILE B 33 -6.32 9.34 -10.51
N GLN B 34 -6.40 10.65 -10.62
CA GLN B 34 -5.55 11.53 -9.82
C GLN B 34 -5.91 11.42 -8.34
N ARG B 35 -7.21 11.40 -8.04
CA ARG B 35 -7.66 11.32 -6.65
C ARG B 35 -7.07 10.05 -6.06
N GLU B 36 -6.91 9.06 -6.94
CA GLU B 36 -6.38 7.78 -6.56
C GLU B 36 -4.90 7.81 -6.36
N GLU B 37 -4.19 8.63 -7.14
CA GLU B 37 -2.73 8.71 -6.98
C GLU B 37 -2.34 9.41 -5.68
N GLU B 38 -3.13 10.40 -5.29
CA GLU B 38 -2.98 11.02 -3.98
C GLU B 38 -2.77 9.91 -2.94
N LYS B 39 -3.57 8.85 -3.01
CA LYS B 39 -3.58 7.77 -2.02
C LYS B 39 -2.38 6.85 -2.17
N VAL B 40 -2.17 6.33 -3.38
CA VAL B 40 -1.02 5.46 -3.65
C VAL B 40 0.26 6.11 -3.20
N LYS B 41 0.34 7.43 -3.35
CA LYS B 41 1.52 8.15 -2.92
C LYS B 41 1.72 7.87 -1.42
N ARG B 42 0.65 7.96 -0.62
CA ARG B 42 0.75 7.83 0.86
C ARG B 42 1.21 6.44 1.28
N SER B 43 0.57 5.45 0.68
CA SER B 43 0.90 4.09 0.89
C SER B 43 2.38 3.88 0.58
N VAL B 44 2.80 4.29 -0.61
CA VAL B 44 4.20 4.13 -1.01
C VAL B 44 5.16 4.65 0.06
N LYS B 45 4.86 5.82 0.61
CA LYS B 45 5.67 6.38 1.68
C LYS B 45 5.64 5.46 2.90
N ASP B 46 4.43 5.18 3.38
CA ASP B 46 4.28 4.34 4.57
C ASP B 46 5.09 3.07 4.41
N ALA B 47 4.90 2.37 3.28
CA ALA B 47 5.65 1.17 2.97
C ALA B 47 7.15 1.45 2.94
N ALA B 48 7.56 2.62 2.45
CA ALA B 48 8.99 2.98 2.53
C ALA B 48 9.45 3.02 3.98
N LYS B 49 8.74 3.79 4.82
CA LYS B 49 9.12 3.96 6.24
C LYS B 49 9.19 2.66 6.97
N LYS B 50 8.37 1.69 6.57
CA LYS B 50 8.36 0.39 7.18
C LYS B 50 9.28 -0.59 6.44
N GLY B 51 10.06 -0.10 5.50
CA GLY B 51 11.00 -0.97 4.77
C GLY B 51 10.44 -2.11 3.91
N GLN B 52 9.15 -2.09 3.60
CA GLN B 52 8.53 -3.08 2.73
C GLN B 52 8.88 -2.81 1.27
N LYS B 53 10.03 -3.28 0.82
CA LYS B 53 10.45 -2.96 -0.54
C LYS B 53 9.42 -3.38 -1.59
N ASP B 54 9.02 -4.65 -1.54
CA ASP B 54 8.10 -5.23 -2.51
C ASP B 54 6.73 -4.52 -2.65
N VAL B 55 6.19 -4.05 -1.53
CA VAL B 55 5.01 -3.23 -1.58
C VAL B 55 5.31 -1.95 -2.35
N CYS B 56 6.45 -1.33 -2.09
CA CYS B 56 6.81 -0.09 -2.82
C CYS B 56 6.98 -0.35 -4.29
N ILE B 57 7.77 -1.36 -4.68
CA ILE B 57 7.95 -1.62 -6.10
C ILE B 57 6.59 -1.74 -6.75
N VAL B 58 5.75 -2.58 -6.15
CA VAL B 58 4.43 -2.88 -6.70
C VAL B 58 3.63 -1.61 -6.84
N LEU B 59 3.43 -0.89 -5.74
CA LEU B 59 2.58 0.29 -5.79
C LEU B 59 3.13 1.21 -6.88
N ALA B 60 4.45 1.32 -6.90
CA ALA B 60 5.13 2.06 -7.94
C ALA B 60 4.60 1.70 -9.32
N LYS B 61 4.64 0.42 -9.70
CA LYS B 61 4.07 0.05 -11.01
C LYS B 61 2.63 0.53 -11.14
N GLU B 62 1.89 0.53 -10.05
CA GLU B 62 0.54 1.08 -10.02
C GLU B 62 0.50 2.53 -10.44
N MET B 63 1.53 3.25 -9.98
CA MET B 63 1.67 4.68 -10.23
C MET B 63 1.98 4.93 -11.69
N ILE B 64 3.04 4.31 -12.19
CA ILE B 64 3.35 4.45 -13.60
C ILE B 64 2.09 4.18 -14.40
N ARG B 65 1.49 3.02 -14.19
CA ARG B 65 0.25 2.66 -14.87
C ARG B 65 -0.78 3.79 -14.86
N SER B 66 -0.96 4.42 -13.70
CA SER B 66 -1.85 5.57 -13.63
C SER B 66 -1.40 6.70 -14.56
N ARG B 67 -0.14 7.12 -14.40
CA ARG B 67 0.36 8.23 -15.18
C ARG B 67 0.11 8.00 -16.66
N LYS B 68 0.47 6.82 -17.14
CA LYS B 68 0.15 6.47 -18.51
C LYS B 68 -1.36 6.56 -18.78
N ALA B 69 -2.16 6.06 -17.86
CA ALA B 69 -3.59 6.10 -18.04
C ALA B 69 -4.03 7.53 -18.23
N VAL B 70 -3.62 8.41 -17.33
CA VAL B 70 -4.11 9.78 -17.37
C VAL B 70 -3.66 10.44 -18.65
N SER B 71 -2.40 10.20 -19.02
CA SER B 71 -1.80 10.80 -20.20
C SER B 71 -2.64 10.46 -21.39
N LYS B 72 -2.80 9.16 -21.62
CA LYS B 72 -3.60 8.70 -22.74
C LYS B 72 -4.94 9.42 -22.76
N LEU B 73 -5.46 9.73 -21.58
CA LEU B 73 -6.71 10.46 -21.45
C LEU B 73 -6.59 11.91 -21.94
N TYR B 74 -5.61 12.63 -21.42
CA TYR B 74 -5.41 13.98 -21.90
C TYR B 74 -5.13 13.94 -23.41
N ALA B 75 -4.37 12.98 -23.89
CA ALA B 75 -4.25 12.91 -25.34
C ALA B 75 -5.68 12.83 -25.97
N SER B 76 -6.54 11.97 -25.43
CA SER B 76 -7.90 11.91 -25.92
C SER B 76 -8.58 13.26 -25.93
N LYS B 77 -8.45 14.01 -24.84
CA LYS B 77 -9.05 15.34 -24.76
C LYS B 77 -8.57 16.20 -25.89
N ALA B 78 -7.30 16.10 -26.23
CA ALA B 78 -6.81 16.84 -27.39
C ALA B 78 -7.56 16.42 -28.66
N HIS B 79 -7.45 15.13 -29.03
CA HIS B 79 -8.15 14.60 -30.18
C HIS B 79 -9.58 15.12 -30.24
N MET B 80 -10.28 15.05 -29.12
CA MET B 80 -11.64 15.58 -29.03
C MET B 80 -11.74 17.03 -29.48
N ASN B 81 -10.80 17.86 -29.03
CA ASN B 81 -10.81 19.27 -29.36
C ASN B 81 -10.49 19.53 -30.83
N SER B 82 -9.54 18.76 -31.37
CA SER B 82 -9.28 18.77 -32.81
C SER B 82 -10.62 18.57 -33.51
N VAL B 83 -11.35 17.54 -33.11
CA VAL B 83 -12.66 17.22 -33.70
C VAL B 83 -13.68 18.31 -33.44
N LEU B 84 -13.70 18.86 -32.25
CA LEU B 84 -14.61 19.96 -32.02
C LEU B 84 -14.28 21.12 -32.94
N MET B 85 -12.99 21.46 -33.08
CA MET B 85 -12.54 22.52 -34.01
C MET B 85 -13.03 22.22 -35.42
N GLY B 86 -12.77 21.03 -35.94
CA GLY B 86 -13.35 20.60 -37.22
C GLY B 86 -14.84 20.87 -37.36
N MET B 87 -15.57 20.72 -36.26
CA MET B 87 -16.98 21.07 -36.21
C MET B 87 -17.17 22.58 -36.36
N LYS B 88 -16.33 23.37 -35.69
CA LYS B 88 -16.42 24.81 -35.78
C LYS B 88 -16.23 25.12 -37.24
N ASN B 89 -15.18 24.56 -37.81
CA ASN B 89 -14.90 24.78 -39.18
C ASN B 89 -16.09 24.42 -40.02
N GLN B 90 -16.55 23.16 -39.99
CA GLN B 90 -17.65 22.72 -40.87
C GLN B 90 -18.75 23.74 -41.05
N LEU B 91 -19.05 24.47 -39.99
CA LEU B 91 -19.93 25.64 -40.10
C LEU B 91 -19.55 26.69 -41.20
N ALA B 92 -18.26 26.97 -41.37
CA ALA B 92 -17.85 28.00 -42.36
C ALA B 92 -17.76 27.46 -43.80
N VAL B 93 -17.38 26.17 -43.94
CA VAL B 93 -17.17 25.50 -45.23
C VAL B 93 -18.50 25.37 -45.98
N LEU B 94 -18.91 26.44 -46.65
CA LEU B 94 -20.18 26.47 -47.43
C LEU B 94 -20.53 25.09 -48.05
N GLY B 98 -25.20 25.83 -46.13
CA GLY B 98 -23.87 25.25 -46.35
C GLY B 98 -23.86 23.83 -46.90
N SER B 99 -22.77 23.11 -46.65
CA SER B 99 -22.58 21.73 -47.15
C SER B 99 -21.76 20.91 -46.14
N LEU B 100 -21.02 19.92 -46.66
CA LEU B 100 -20.06 19.15 -45.85
C LEU B 100 -18.85 18.65 -46.65
N GLN B 101 -17.68 19.19 -46.30
CA GLN B 101 -16.42 18.80 -46.93
C GLN B 101 -15.72 17.74 -46.08
N LYS B 102 -14.93 16.90 -46.74
CA LYS B 102 -14.23 15.81 -46.06
C LYS B 102 -12.98 16.28 -45.27
N SER B 103 -13.20 16.96 -44.15
CA SER B 103 -12.09 17.47 -43.32
C SER B 103 -11.10 16.39 -42.88
N THR B 104 -10.17 16.02 -43.76
CA THR B 104 -9.17 14.97 -43.49
C THR B 104 -8.47 15.09 -42.12
N GLU B 105 -8.72 16.21 -41.45
CA GLU B 105 -8.35 16.39 -40.04
C GLU B 105 -9.25 15.58 -39.09
N VAL B 106 -10.57 15.86 -39.12
CA VAL B 106 -11.52 15.18 -38.24
C VAL B 106 -11.74 13.75 -38.66
N MET B 107 -10.90 13.27 -39.56
CA MET B 107 -10.95 11.89 -40.02
C MET B 107 -9.91 11.05 -39.28
N LYS B 108 -8.73 11.61 -39.09
CA LYS B 108 -7.66 10.92 -38.38
C LYS B 108 -7.75 11.01 -36.87
N ALA B 109 -8.42 12.04 -36.38
CA ALA B 109 -8.56 12.22 -34.94
C ALA B 109 -9.56 11.21 -34.50
N MET B 110 -10.66 11.13 -35.25
CA MET B 110 -11.75 10.20 -34.92
C MET B 110 -11.40 8.76 -35.28
N GLN B 111 -10.12 8.53 -35.57
CA GLN B 111 -9.62 7.22 -35.93
C GLN B 111 -8.73 6.77 -34.77
N SER B 112 -8.24 7.77 -34.04
CA SER B 112 -7.42 7.55 -32.85
C SER B 112 -8.29 7.66 -31.63
N LEU B 113 -9.53 8.06 -31.85
CA LEU B 113 -10.45 8.25 -30.75
C LEU B 113 -11.30 6.98 -30.48
N VAL B 114 -11.55 6.18 -31.51
CA VAL B 114 -12.31 4.94 -31.33
C VAL B 114 -11.49 3.87 -30.64
N LYS B 115 -10.59 4.27 -29.74
CA LYS B 115 -9.75 3.33 -29.01
C LYS B 115 -9.49 3.79 -27.59
N ILE B 116 -10.52 4.34 -26.95
CA ILE B 116 -10.41 4.68 -25.53
C ILE B 116 -11.61 4.12 -24.82
N PRO B 117 -11.41 3.05 -24.04
CA PRO B 117 -12.41 2.18 -23.40
C PRO B 117 -13.77 2.80 -23.22
N GLU B 118 -13.80 3.95 -22.54
CA GLU B 118 -15.00 4.68 -22.12
C GLU B 118 -15.74 5.45 -23.21
N ILE B 119 -14.98 6.12 -24.06
CA ILE B 119 -15.56 6.78 -25.21
C ILE B 119 -15.52 5.79 -26.39
N GLN B 120 -14.71 4.75 -26.26
CA GLN B 120 -14.58 3.69 -27.27
C GLN B 120 -15.90 3.39 -27.99
N ALA B 121 -16.97 3.13 -27.24
CA ALA B 121 -18.23 2.77 -27.89
C ALA B 121 -18.66 3.87 -28.84
N THR B 122 -19.30 4.90 -28.29
CA THR B 122 -19.92 5.98 -29.06
C THR B 122 -19.09 6.44 -30.28
N MET B 123 -17.93 7.05 -30.04
CA MET B 123 -17.09 7.51 -31.14
C MET B 123 -17.36 6.80 -32.47
N ARG B 124 -17.22 5.48 -32.48
CA ARG B 124 -17.35 4.66 -33.70
C ARG B 124 -18.67 4.88 -34.42
N GLU B 125 -19.66 5.34 -33.67
CA GLU B 125 -21.01 5.56 -34.17
C GLU B 125 -21.08 6.96 -34.77
N LEU B 126 -20.39 7.90 -34.12
CA LEU B 126 -20.25 9.25 -34.64
C LEU B 126 -19.43 9.16 -35.90
N SER B 127 -18.41 8.31 -35.88
CA SER B 127 -17.60 8.09 -37.06
C SER B 127 -18.41 7.66 -38.28
N LYS B 128 -19.50 6.91 -38.07
CA LYS B 128 -20.35 6.53 -39.20
C LYS B 128 -21.19 7.72 -39.63
N GLU B 129 -21.92 8.31 -38.68
CA GLU B 129 -22.73 9.50 -38.94
C GLU B 129 -21.96 10.55 -39.75
N MET B 130 -20.67 10.68 -39.52
CA MET B 130 -19.83 11.59 -40.31
C MET B 130 -19.46 10.96 -41.65
N MET B 131 -18.86 9.78 -41.61
CA MET B 131 -18.42 9.10 -42.84
C MET B 131 -19.55 8.99 -43.86
N LYS B 132 -20.78 9.13 -43.40
CA LYS B 132 -21.96 9.03 -44.25
C LYS B 132 -21.91 10.01 -45.43
N ALA B 133 -22.54 11.16 -45.28
CA ALA B 133 -22.60 12.12 -46.38
C ALA B 133 -21.78 13.39 -46.09
N GLY B 134 -20.66 13.23 -45.40
CA GLY B 134 -19.79 14.36 -45.14
C GLY B 134 -18.35 13.96 -44.94
N ILE B 135 -17.77 14.55 -43.91
CA ILE B 135 -16.42 14.26 -43.43
C ILE B 135 -16.15 12.77 -43.26
N ILE B 136 -14.88 12.40 -43.09
CA ILE B 136 -14.49 10.98 -42.90
C ILE B 136 -14.03 10.69 -41.44
N MET B 153 12.20 -0.51 -26.54
CA MET B 153 12.34 -1.23 -25.28
C MET B 153 11.91 -0.47 -24.00
N GLU B 154 10.75 -0.86 -23.47
CA GLU B 154 10.33 -0.44 -22.15
C GLU B 154 10.88 -1.45 -21.12
N GLU B 155 12.11 -1.92 -21.35
CA GLU B 155 12.77 -2.79 -20.36
C GLU B 155 13.49 -1.93 -19.34
N GLU B 156 13.66 -0.66 -19.70
CA GLU B 156 14.23 0.36 -18.84
C GLU B 156 13.11 1.09 -18.11
N ALA B 157 11.89 0.60 -18.29
CA ALA B 157 10.75 1.06 -17.52
C ALA B 157 10.84 0.39 -16.15
N GLU B 158 11.90 -0.40 -15.97
CA GLU B 158 12.28 -0.88 -14.65
C GLU B 158 13.13 0.17 -13.95
N MET B 159 13.28 1.32 -14.59
CA MET B 159 14.04 2.42 -14.04
C MET B 159 13.10 3.56 -13.69
N GLU B 160 11.94 3.56 -14.32
CA GLU B 160 10.94 4.59 -14.02
C GLU B 160 10.43 4.44 -12.60
N ILE B 161 10.13 3.21 -12.21
CA ILE B 161 9.63 2.98 -10.87
C ILE B 161 10.64 3.48 -9.85
N ASP B 162 11.87 2.99 -9.94
CA ASP B 162 12.98 3.45 -9.08
C ASP B 162 13.13 4.97 -9.08
N ARG B 163 12.69 5.61 -10.15
CA ARG B 163 12.65 7.03 -10.25
C ARG B 163 11.52 7.55 -9.33
N ILE B 164 10.26 7.19 -9.61
CA ILE B 164 9.13 7.72 -8.81
C ILE B 164 9.27 7.44 -7.31
N LEU B 165 9.86 6.30 -6.96
CA LEU B 165 10.01 5.97 -5.59
C LEU B 165 10.70 7.17 -5.04
N PHE B 166 11.90 7.40 -5.55
CA PHE B 166 12.74 8.53 -5.20
C PHE B 166 11.95 9.84 -5.29
N GLU B 167 11.31 10.06 -6.44
CA GLU B 167 10.51 11.25 -6.62
C GLU B 167 9.29 11.38 -5.67
N ILE B 168 9.24 10.63 -4.56
CA ILE B 168 8.12 10.74 -3.61
C ILE B 168 8.53 10.39 -2.19
#